data_6X7I
#
_entry.id   6X7I
#
_entity_poly.entity_id   1
_entity_poly.type   'polypeptide(L)'
_entity_poly.pdbx_seq_one_letter_code
;GQERFNRWFLTGMTVAGVVLLGSLFSRK
;
_entity_poly.pdbx_strand_id   A
#
# COMPACT_ATOMS: atom_id res chain seq x y z
N GLY A 1 -14.24 -6.29 -21.75
CA GLY A 1 -14.73 -4.89 -21.73
C GLY A 1 -13.67 -4.01 -21.16
N GLN A 2 -13.97 -2.69 -21.07
CA GLN A 2 -13.03 -1.75 -20.53
C GLN A 2 -13.07 -1.88 -19.03
N GLU A 3 -11.91 -1.69 -18.38
CA GLU A 3 -11.84 -1.79 -16.95
C GLU A 3 -11.11 -0.58 -16.45
N ARG A 4 -11.49 -0.08 -15.26
CA ARG A 4 -10.83 1.07 -14.70
C ARG A 4 -10.44 0.71 -13.30
N PHE A 5 -9.30 1.27 -12.84
CA PHE A 5 -8.84 0.98 -11.50
C PHE A 5 -8.54 2.29 -10.85
N ASN A 6 -8.73 2.36 -9.52
CA ASN A 6 -8.48 3.58 -8.80
C ASN A 6 -7.05 3.51 -8.34
N ARG A 7 -6.18 4.34 -8.95
CA ARG A 7 -4.77 4.35 -8.61
C ARG A 7 -4.61 4.81 -7.19
N TRP A 8 -5.43 5.78 -6.73
CA TRP A 8 -5.32 6.29 -5.38
C TRP A 8 -5.62 5.18 -4.41
N PHE A 9 -6.60 4.32 -4.74
CA PHE A 9 -6.97 3.23 -3.87
C PHE A 9 -5.78 2.30 -3.75
N LEU A 10 -5.09 2.02 -4.87
CA LEU A 10 -3.97 1.11 -4.84
C LEU A 10 -2.87 1.73 -4.01
N THR A 11 -2.61 3.04 -4.21
CA THR A 11 -1.57 3.72 -3.48
C THR A 11 -1.90 3.71 -2.00
N GLY A 12 -3.16 4.03 -1.65
CA GLY A 12 -3.55 4.07 -0.26
C GLY A 12 -3.42 2.71 0.35
N MET A 13 -3.85 1.66 -0.39
CA MET A 13 -3.77 0.31 0.13
C MET A 13 -2.31 -0.05 0.32
N THR A 14 -1.46 0.32 -0.66
CA THR A 14 -0.05 0.00 -0.59
C THR A 14 0.55 0.70 0.60
N VAL A 15 0.22 2.00 0.79
CA VAL A 15 0.77 2.76 1.90
C VAL A 15 0.35 2.12 3.19
N ALA A 16 -0.95 1.75 3.32
CA ALA A 16 -1.43 1.15 4.54
C ALA A 16 -0.70 -0.15 4.78
N GLY A 17 -0.49 -0.94 3.70
CA GLY A 17 0.19 -2.21 3.83
C GLY A 17 1.60 -1.97 4.27
N VAL A 18 2.26 -0.93 3.71
CA VAL A 18 3.63 -0.64 4.07
C VAL A 18 3.70 -0.28 5.53
N VAL A 19 2.74 0.55 6.01
CA VAL A 19 2.75 0.95 7.40
C VAL A 19 2.60 -0.26 8.28
N LEU A 20 1.64 -1.16 7.95
CA LEU A 20 1.42 -2.34 8.76
C LEU A 20 2.65 -3.22 8.73
N LEU A 21 3.31 -3.35 7.54
CA LEU A 21 4.47 -4.19 7.45
C LEU A 21 5.60 -3.56 8.23
N GLY A 22 5.72 -2.22 8.14
CA GLY A 22 6.78 -1.52 8.84
C GLY A 22 6.61 -1.72 10.32
N SER A 23 5.35 -1.66 10.80
CA SER A 23 5.09 -1.84 12.21
C SER A 23 5.46 -3.24 12.61
N LEU A 24 5.08 -4.22 11.76
CA LEU A 24 5.39 -5.61 12.03
C LEU A 24 6.88 -5.81 12.11
N PHE A 25 7.63 -5.24 11.14
CA PHE A 25 9.07 -5.39 11.13
C PHE A 25 9.65 -4.68 12.32
N SER A 26 9.10 -3.49 12.67
CA SER A 26 9.62 -2.74 13.79
C SER A 26 9.42 -3.51 15.05
N ARG A 27 8.23 -4.15 15.21
CA ARG A 27 7.94 -4.92 16.39
C ARG A 27 8.90 -6.09 16.44
N LYS A 28 9.09 -6.75 15.28
CA LYS A 28 9.99 -7.89 15.21
C LYS A 28 9.44 -9.00 16.12
N GLY A 1 -2.61 -0.07 -21.89
CA GLY A 1 -2.69 -0.68 -23.24
C GLY A 1 -4.06 -1.24 -23.46
N GLN A 2 -4.18 -2.59 -23.44
CA GLN A 2 -5.47 -3.22 -23.61
C GLN A 2 -6.30 -2.84 -22.42
N GLU A 3 -5.66 -2.79 -21.23
CA GLU A 3 -6.35 -2.43 -20.03
C GLU A 3 -5.58 -1.28 -19.44
N ARG A 4 -6.28 -0.41 -18.69
CA ARG A 4 -5.65 0.73 -18.07
C ARG A 4 -6.04 0.71 -16.63
N PHE A 5 -5.12 1.13 -15.75
CA PHE A 5 -5.41 1.14 -14.34
C PHE A 5 -4.76 2.36 -13.77
N ASN A 6 -5.56 3.19 -13.06
CA ASN A 6 -5.03 4.39 -12.47
C ASN A 6 -5.93 4.73 -11.31
N ARG A 7 -5.62 4.17 -10.13
CA ARG A 7 -6.42 4.44 -8.96
C ARG A 7 -5.49 4.77 -7.84
N TRP A 8 -5.89 5.74 -6.98
CA TRP A 8 -5.07 6.12 -5.87
C TRP A 8 -5.34 5.18 -4.73
N PHE A 9 -6.36 4.29 -4.90
CA PHE A 9 -6.71 3.35 -3.87
C PHE A 9 -5.59 2.36 -3.75
N LEU A 10 -4.88 2.09 -4.86
CA LEU A 10 -3.79 1.14 -4.82
C LEU A 10 -2.68 1.74 -3.99
N THR A 11 -2.43 3.05 -4.19
CA THR A 11 -1.38 3.73 -3.46
C THR A 11 -1.73 3.74 -2.00
N GLY A 12 -3.01 4.04 -1.67
CA GLY A 12 -3.42 4.08 -0.28
C GLY A 12 -3.28 2.73 0.33
N MET A 13 -3.66 1.66 -0.41
CA MET A 13 -3.55 0.32 0.10
C MET A 13 -2.10 -0.01 0.32
N THR A 14 -1.24 0.40 -0.65
CA THR A 14 0.18 0.12 -0.55
C THR A 14 0.73 0.82 0.66
N VAL A 15 0.35 2.10 0.87
CA VAL A 15 0.86 2.86 1.99
C VAL A 15 0.43 2.19 3.27
N ALA A 16 -0.86 1.78 3.36
CA ALA A 16 -1.35 1.14 4.56
C ALA A 16 -0.60 -0.13 4.78
N GLY A 17 -0.35 -0.90 3.69
CA GLY A 17 0.35 -2.16 3.80
C GLY A 17 1.75 -1.89 4.29
N VAL A 18 2.40 -0.83 3.78
CA VAL A 18 3.76 -0.51 4.19
C VAL A 18 3.77 -0.20 5.65
N VAL A 19 2.78 0.58 6.13
CA VAL A 19 2.73 0.94 7.54
C VAL A 19 2.58 -0.31 8.36
N LEU A 20 1.65 -1.21 7.97
CA LEU A 20 1.44 -2.43 8.73
C LEU A 20 2.69 -3.27 8.71
N LEU A 21 3.39 -3.34 7.56
CA LEU A 21 4.59 -4.14 7.47
C LEU A 21 5.65 -3.52 8.32
N GLY A 22 5.74 -2.17 8.31
CA GLY A 22 6.75 -1.50 9.08
C GLY A 22 6.52 -1.78 10.54
N SER A 23 5.25 -1.75 10.98
CA SER A 23 4.94 -2.02 12.37
C SER A 23 5.33 -3.44 12.70
N LEU A 24 4.97 -4.39 11.82
CA LEU A 24 5.29 -5.79 12.05
C LEU A 24 6.79 -5.96 12.14
N PHE A 25 7.54 -5.36 11.21
CA PHE A 25 8.98 -5.50 11.23
C PHE A 25 9.54 -4.82 12.45
N SER A 26 8.98 -3.65 12.82
CA SER A 26 9.47 -2.93 13.98
C SER A 26 9.27 -3.77 15.21
N ARG A 27 8.07 -4.39 15.36
CA ARG A 27 7.80 -5.21 16.52
C ARG A 27 8.71 -6.41 16.49
N LYS A 28 8.90 -6.99 15.27
CA LYS A 28 9.76 -8.14 15.13
C LYS A 28 9.16 -9.30 15.95
N GLY A 1 -3.52 13.33 -25.63
CA GLY A 1 -3.51 11.85 -25.87
C GLY A 1 -2.90 11.18 -24.69
N GLN A 2 -3.71 10.95 -23.65
CA GLN A 2 -3.20 10.31 -22.46
C GLN A 2 -4.37 9.66 -21.78
N GLU A 3 -4.08 8.73 -20.85
CA GLU A 3 -5.13 8.04 -20.14
C GLU A 3 -4.87 8.24 -18.68
N ARG A 4 -5.94 8.29 -17.87
CA ARG A 4 -5.79 8.47 -16.45
C ARG A 4 -6.47 7.32 -15.79
N PHE A 5 -5.85 6.81 -14.69
CA PHE A 5 -6.42 5.70 -13.99
C PHE A 5 -6.44 6.07 -12.54
N ASN A 6 -7.45 5.57 -11.80
CA ASN A 6 -7.54 5.90 -10.39
C ASN A 6 -6.76 4.85 -9.66
N ARG A 7 -5.51 5.19 -9.28
CA ARG A 7 -4.67 4.25 -8.56
C ARG A 7 -4.51 4.77 -7.17
N TRP A 8 -5.38 5.73 -6.76
CA TRP A 8 -5.30 6.29 -5.44
C TRP A 8 -5.60 5.21 -4.43
N PHE A 9 -6.63 4.38 -4.73
CA PHE A 9 -7.00 3.31 -3.82
C PHE A 9 -5.87 2.33 -3.71
N LEU A 10 -5.17 2.05 -4.84
CA LEU A 10 -4.09 1.10 -4.80
C LEU A 10 -2.97 1.69 -3.99
N THR A 11 -2.71 3.01 -4.17
CA THR A 11 -1.66 3.68 -3.46
C THR A 11 -1.97 3.67 -1.99
N GLY A 12 -3.24 3.96 -1.62
CA GLY A 12 -3.61 3.99 -0.22
C GLY A 12 -3.43 2.63 0.38
N MET A 13 -3.84 1.57 -0.34
CA MET A 13 -3.70 0.22 0.19
C MET A 13 -2.23 -0.10 0.33
N THR A 14 -1.42 0.33 -0.65
CA THR A 14 0.00 0.06 -0.61
C THR A 14 0.61 0.76 0.58
N VAL A 15 0.23 2.04 0.79
CA VAL A 15 0.78 2.79 1.90
C VAL A 15 0.37 2.13 3.20
N ALA A 16 -0.91 1.74 3.33
CA ALA A 16 -1.37 1.11 4.54
C ALA A 16 -0.61 -0.18 4.76
N GLY A 17 -0.40 -0.95 3.67
CA GLY A 17 0.32 -2.20 3.78
C GLY A 17 1.72 -1.95 4.24
N VAL A 18 2.35 -0.88 3.70
CA VAL A 18 3.71 -0.56 4.08
C VAL A 18 3.75 -0.20 5.54
N VAL A 19 2.77 0.60 6.01
CA VAL A 19 2.76 1.01 7.41
C VAL A 19 2.62 -0.21 8.28
N LEU A 20 1.67 -1.10 7.96
CA LEU A 20 1.47 -2.29 8.76
C LEU A 20 2.69 -3.17 8.69
N LEU A 21 3.32 -3.27 7.51
CA LEU A 21 4.50 -4.10 7.36
C LEU A 21 5.61 -3.54 8.19
N GLY A 22 5.78 -2.19 8.14
CA GLY A 22 6.83 -1.55 8.89
C GLY A 22 6.61 -1.77 10.35
N SER A 23 5.34 -1.69 10.81
CA SER A 23 5.04 -1.87 12.21
C SER A 23 5.39 -3.28 12.60
N LEU A 24 4.98 -4.28 11.77
CA LEU A 24 5.26 -5.66 12.08
C LEU A 24 6.76 -5.87 12.07
N PHE A 25 7.46 -5.25 11.12
CA PHE A 25 8.89 -5.39 11.02
C PHE A 25 9.52 -4.84 12.28
N SER A 26 9.07 -3.64 12.72
CA SER A 26 9.62 -3.02 13.90
C SER A 26 9.35 -3.88 15.10
N ARG A 27 8.12 -4.45 15.21
CA ARG A 27 7.79 -5.28 16.35
C ARG A 27 8.66 -6.51 16.33
N LYS A 28 8.89 -7.07 15.12
CA LYS A 28 9.72 -8.26 14.99
C LYS A 28 9.07 -9.40 15.79
N GLY A 1 7.41 -1.00 -22.18
CA GLY A 1 5.96 -0.70 -22.14
C GLY A 1 5.71 0.48 -21.27
N GLN A 2 4.43 0.85 -21.10
CA GLN A 2 4.10 1.99 -20.27
C GLN A 2 3.07 1.53 -19.29
N GLU A 3 3.30 1.81 -17.99
CA GLU A 3 2.36 1.41 -16.97
C GLU A 3 2.15 2.60 -16.09
N ARG A 4 0.94 2.74 -15.53
CA ARG A 4 0.65 3.85 -14.67
C ARG A 4 -0.47 3.44 -13.77
N PHE A 5 -0.67 4.19 -12.66
CA PHE A 5 -1.72 3.87 -11.73
C PHE A 5 -2.75 4.94 -11.87
N ASN A 6 -4.00 4.55 -12.21
CA ASN A 6 -5.06 5.51 -12.36
C ASN A 6 -5.92 5.47 -11.13
N ARG A 7 -5.51 4.69 -10.12
CA ARG A 7 -6.31 4.59 -8.92
C ARG A 7 -5.41 4.89 -7.76
N TRP A 8 -5.86 5.79 -6.87
CA TRP A 8 -5.06 6.14 -5.71
C TRP A 8 -5.38 5.16 -4.62
N PHE A 9 -6.38 4.29 -4.86
CA PHE A 9 -6.76 3.30 -3.87
C PHE A 9 -5.64 2.31 -3.73
N LEU A 10 -4.93 2.04 -4.85
CA LEU A 10 -3.84 1.08 -4.79
C LEU A 10 -2.72 1.69 -4.01
N THR A 11 -2.50 3.02 -4.20
CA THR A 11 -1.44 3.71 -3.49
C THR A 11 -1.75 3.70 -2.02
N GLY A 12 -3.02 4.01 -1.66
CA GLY A 12 -3.42 4.04 -0.27
C GLY A 12 -3.26 2.68 0.33
N MET A 13 -3.66 1.62 -0.42
CA MET A 13 -3.54 0.27 0.08
C MET A 13 -2.09 -0.05 0.29
N THR A 14 -1.23 0.35 -0.68
CA THR A 14 0.18 0.07 -0.59
C THR A 14 0.75 0.78 0.61
N VAL A 15 0.38 2.06 0.82
CA VAL A 15 0.89 2.82 1.94
C VAL A 15 0.46 2.17 3.22
N ALA A 16 -0.83 1.77 3.31
CA ALA A 16 -1.32 1.15 4.53
C ALA A 16 -0.57 -0.14 4.75
N GLY A 17 -0.34 -0.91 3.67
CA GLY A 17 0.37 -2.17 3.79
C GLY A 17 1.77 -1.92 4.28
N VAL A 18 2.42 -0.86 3.75
CA VAL A 18 3.78 -0.55 4.15
C VAL A 18 3.80 -0.21 5.61
N VAL A 19 2.83 0.61 6.07
CA VAL A 19 2.80 0.99 7.47
C VAL A 19 2.61 -0.23 8.33
N LEU A 20 1.65 -1.11 7.96
CA LEU A 20 1.41 -2.30 8.75
C LEU A 20 2.63 -3.18 8.71
N LEU A 21 3.30 -3.27 7.54
CA LEU A 21 4.47 -4.12 7.42
C LEU A 21 5.56 -3.56 8.30
N GLY A 22 5.72 -2.21 8.28
CA GLY A 22 6.74 -1.58 9.08
C GLY A 22 6.49 -1.85 10.53
N SER A 23 5.22 -1.81 10.96
CA SER A 23 4.88 -2.06 12.34
C SER A 23 5.29 -3.46 12.70
N LEU A 24 4.97 -4.43 11.82
CA LEU A 24 5.32 -5.82 12.07
C LEU A 24 6.82 -5.96 12.17
N PHE A 25 7.57 -5.28 11.28
CA PHE A 25 9.02 -5.38 11.32
C PHE A 25 9.52 -4.73 12.57
N SER A 26 8.93 -3.58 12.97
CA SER A 26 9.37 -2.88 14.16
C SER A 26 9.13 -3.76 15.36
N ARG A 27 7.94 -4.40 15.43
CA ARG A 27 7.62 -5.26 16.54
C ARG A 27 8.59 -6.42 16.54
N LYS A 28 8.82 -7.01 15.34
CA LYS A 28 9.74 -8.13 15.23
C LYS A 28 9.18 -9.30 16.07
N GLY A 1 -20.20 1.76 -22.88
CA GLY A 1 -19.20 1.15 -21.97
C GLY A 1 -18.54 2.23 -21.18
N GLN A 2 -17.58 1.84 -20.31
CA GLN A 2 -16.90 2.81 -19.49
C GLN A 2 -15.54 2.25 -19.19
N GLU A 3 -14.56 3.13 -18.96
CA GLU A 3 -13.23 2.67 -18.63
C GLU A 3 -12.59 3.75 -17.83
N ARG A 4 -12.30 3.45 -16.55
CA ARG A 4 -11.67 4.42 -15.69
C ARG A 4 -10.68 3.67 -14.84
N PHE A 5 -9.60 4.36 -14.43
CA PHE A 5 -8.58 3.73 -13.61
C PHE A 5 -8.37 4.62 -12.43
N ASN A 6 -8.09 4.01 -11.27
CA ASN A 6 -7.86 4.78 -10.07
C ASN A 6 -6.75 4.10 -9.32
N ARG A 7 -5.56 4.72 -9.29
CA ARG A 7 -4.44 4.12 -8.59
C ARG A 7 -4.36 4.73 -7.22
N TRP A 8 -5.22 5.73 -6.92
CA TRP A 8 -5.19 6.37 -5.62
C TRP A 8 -5.55 5.35 -4.57
N PHE A 9 -6.62 4.56 -4.83
CA PHE A 9 -7.05 3.56 -3.86
C PHE A 9 -5.97 2.53 -3.72
N LEU A 10 -5.30 2.17 -4.83
CA LEU A 10 -4.26 1.16 -4.76
C LEU A 10 -3.11 1.70 -3.96
N THR A 11 -2.80 3.00 -4.15
CA THR A 11 -1.71 3.62 -3.45
C THR A 11 -2.01 3.63 -1.97
N GLY A 12 -3.27 3.95 -1.61
CA GLY A 12 -3.65 3.98 -0.21
C GLY A 12 -3.48 2.62 0.39
N MET A 13 -3.87 1.56 -0.36
CA MET A 13 -3.75 0.22 0.16
C MET A 13 -2.29 -0.11 0.33
N THR A 14 -1.44 0.31 -0.63
CA THR A 14 -0.02 0.04 -0.54
C THR A 14 0.56 0.75 0.64
N VAL A 15 0.17 2.03 0.85
CA VAL A 15 0.69 2.80 1.96
C VAL A 15 0.28 2.14 3.26
N ALA A 16 -0.99 1.72 3.36
CA ALA A 16 -1.45 1.09 4.58
C ALA A 16 -0.69 -0.19 4.80
N GLY A 17 -0.48 -0.97 3.71
CA GLY A 17 0.24 -2.21 3.82
C GLY A 17 1.64 -1.95 4.27
N VAL A 18 2.29 -0.90 3.71
CA VAL A 18 3.65 -0.58 4.08
C VAL A 18 3.71 -0.24 5.55
N VAL A 19 2.73 0.56 6.02
CA VAL A 19 2.72 0.95 7.42
C VAL A 19 2.59 -0.27 8.28
N LEU A 20 1.65 -1.19 7.94
CA LEU A 20 1.46 -2.38 8.74
C LEU A 20 2.71 -3.24 8.69
N LEU A 21 3.36 -3.34 7.52
CA LEU A 21 4.55 -4.15 7.40
C LEU A 21 5.65 -3.52 8.20
N GLY A 22 5.76 -2.17 8.14
CA GLY A 22 6.80 -1.48 8.88
C GLY A 22 6.60 -1.71 10.34
N SER A 23 5.34 -1.68 10.81
CA SER A 23 5.06 -1.89 12.20
C SER A 23 5.44 -3.30 12.57
N LEU A 24 5.10 -4.27 11.69
CA LEU A 24 5.41 -5.67 11.95
C LEU A 24 6.90 -5.83 12.04
N PHE A 25 7.66 -5.22 11.12
CA PHE A 25 9.11 -5.35 11.14
C PHE A 25 9.65 -4.67 12.37
N SER A 26 9.06 -3.52 12.76
CA SER A 26 9.53 -2.81 13.93
C SER A 26 9.31 -3.65 15.15
N ARG A 27 8.15 -4.33 15.24
CA ARG A 27 7.85 -5.15 16.40
C ARG A 27 8.81 -6.31 16.44
N LYS A 28 9.16 -6.87 15.26
CA LYS A 28 10.08 -7.99 15.22
C LYS A 28 11.46 -7.51 15.74
N GLY A 1 -1.49 -4.18 -24.92
CA GLY A 1 -1.06 -2.91 -25.55
C GLY A 1 -0.41 -2.05 -24.52
N GLN A 2 -0.18 -0.76 -24.86
CA GLN A 2 0.44 0.14 -23.93
C GLN A 2 -0.66 0.74 -23.09
N GLU A 3 -0.57 0.55 -21.77
CA GLU A 3 -1.59 1.08 -20.89
C GLU A 3 -0.98 1.17 -19.53
N ARG A 4 -1.57 2.01 -18.66
CA ARG A 4 -1.06 2.16 -17.31
C ARG A 4 -2.22 2.04 -16.39
N PHE A 5 -1.98 1.50 -15.17
CA PHE A 5 -3.04 1.34 -14.21
C PHE A 5 -2.58 2.04 -12.97
N ASN A 6 -3.19 3.20 -12.66
CA ASN A 6 -2.82 3.94 -11.49
C ASN A 6 -4.09 4.29 -10.78
N ARG A 7 -4.19 3.89 -9.49
CA ARG A 7 -5.37 4.19 -8.71
C ARG A 7 -4.90 4.68 -7.38
N TRP A 8 -5.63 5.67 -6.82
CA TRP A 8 -5.28 6.21 -5.52
C TRP A 8 -5.57 5.17 -4.48
N PHE A 9 -6.57 4.30 -4.75
CA PHE A 9 -6.92 3.27 -3.80
C PHE A 9 -5.77 2.30 -3.69
N LEU A 10 -5.07 2.05 -4.81
CA LEU A 10 -3.95 1.12 -4.79
C LEU A 10 -2.84 1.74 -3.99
N THR A 11 -2.61 3.05 -4.19
CA THR A 11 -1.55 3.75 -3.48
C THR A 11 -1.86 3.74 -2.02
N GLY A 12 -3.13 4.05 -1.65
CA GLY A 12 -3.51 4.08 -0.25
C GLY A 12 -3.34 2.71 0.35
N MET A 13 -3.74 1.66 -0.40
CA MET A 13 -3.63 0.31 0.12
C MET A 13 -2.17 -0.02 0.30
N THR A 14 -1.33 0.38 -0.67
CA THR A 14 0.10 0.11 -0.60
C THR A 14 0.68 0.81 0.59
N VAL A 15 0.30 2.09 0.80
CA VAL A 15 0.84 2.85 1.91
C VAL A 15 0.42 2.20 3.21
N ALA A 16 -0.86 1.80 3.32
CA ALA A 16 -1.35 1.18 4.53
C ALA A 16 -0.59 -0.11 4.75
N GLY A 17 -0.38 -0.89 3.66
CA GLY A 17 0.32 -2.14 3.77
C GLY A 17 1.73 -1.90 4.24
N VAL A 18 2.38 -0.84 3.70
CA VAL A 18 3.74 -0.53 4.08
C VAL A 18 3.79 -0.18 5.55
N VAL A 19 2.81 0.64 6.02
CA VAL A 19 2.80 1.04 7.41
C VAL A 19 2.63 -0.19 8.28
N LEU A 20 1.67 -1.07 7.93
CA LEU A 20 1.44 -2.27 8.73
C LEU A 20 2.65 -3.15 8.67
N LEU A 21 3.30 -3.24 7.49
CA LEU A 21 4.47 -4.09 7.34
C LEU A 21 5.58 -3.54 8.21
N GLY A 22 5.75 -2.20 8.20
CA GLY A 22 6.80 -1.59 8.99
C GLY A 22 6.55 -1.85 10.45
N SER A 23 5.26 -1.80 10.87
CA SER A 23 4.92 -2.05 12.25
C SER A 23 5.30 -3.47 12.59
N LEU A 24 4.98 -4.43 11.69
CA LEU A 24 5.29 -5.82 11.96
C LEU A 24 6.78 -5.98 12.10
N PHE A 25 7.58 -5.31 11.25
CA PHE A 25 9.02 -5.43 11.36
C PHE A 25 9.48 -4.79 12.64
N SER A 26 8.86 -3.66 13.02
CA SER A 26 9.25 -2.97 14.24
C SER A 26 8.98 -3.86 15.42
N ARG A 27 7.81 -4.54 15.43
CA ARG A 27 7.48 -5.41 16.54
C ARG A 27 8.44 -6.57 16.54
N LYS A 28 8.77 -7.09 15.34
CA LYS A 28 9.69 -8.20 15.23
C LYS A 28 9.08 -9.42 15.95
N GLY A 1 -2.22 -3.54 -22.36
CA GLY A 1 -3.63 -3.89 -22.05
C GLY A 1 -4.33 -2.67 -21.54
N GLN A 2 -5.64 -2.80 -21.26
CA GLN A 2 -6.39 -1.68 -20.76
C GLN A 2 -7.08 -2.14 -19.51
N GLU A 3 -6.90 -1.39 -18.42
CA GLU A 3 -7.52 -1.75 -17.16
C GLU A 3 -8.02 -0.48 -16.55
N ARG A 4 -9.13 -0.58 -15.78
CA ARG A 4 -9.69 0.59 -15.14
C ARG A 4 -9.75 0.28 -13.68
N PHE A 5 -9.14 1.14 -12.85
CA PHE A 5 -9.15 0.92 -11.43
C PHE A 5 -8.77 2.22 -10.78
N ASN A 6 -9.05 2.35 -9.47
CA ASN A 6 -8.72 3.56 -8.76
C ASN A 6 -7.28 3.45 -8.33
N ARG A 7 -6.41 4.26 -8.97
CA ARG A 7 -4.99 4.25 -8.67
C ARG A 7 -4.78 4.72 -7.26
N TRP A 8 -5.57 5.72 -6.81
CA TRP A 8 -5.41 6.26 -5.47
C TRP A 8 -5.69 5.18 -4.46
N PHE A 9 -6.67 4.30 -4.76
CA PHE A 9 -7.01 3.23 -3.85
C PHE A 9 -5.82 2.32 -3.70
N LEU A 10 -5.12 2.05 -4.83
CA LEU A 10 -3.97 1.16 -4.78
C LEU A 10 -2.88 1.82 -3.98
N THR A 11 -2.70 3.15 -4.16
CA THR A 11 -1.67 3.86 -3.44
C THR A 11 -1.97 3.82 -1.97
N GLY A 12 -3.24 4.08 -1.59
CA GLY A 12 -3.61 4.07 -0.18
C GLY A 12 -3.42 2.69 0.37
N MET A 13 -3.80 1.66 -0.39
CA MET A 13 -3.66 0.29 0.07
C MET A 13 -2.20 -0.01 0.26
N THR A 14 -1.36 0.42 -0.71
CA THR A 14 0.07 0.16 -0.63
C THR A 14 0.63 0.86 0.57
N VAL A 15 0.23 2.13 0.79
CA VAL A 15 0.75 2.89 1.92
C VAL A 15 0.36 2.19 3.21
N ALA A 16 -0.91 1.79 3.33
CA ALA A 16 -1.34 1.13 4.54
C ALA A 16 -0.60 -0.17 4.70
N GLY A 17 -0.39 -0.91 3.58
CA GLY A 17 0.28 -2.18 3.64
C GLY A 17 1.69 -2.04 4.12
N VAL A 18 2.43 -1.01 3.64
CA VAL A 18 3.81 -0.86 4.07
C VAL A 18 3.85 -0.36 5.49
N VAL A 19 2.85 0.47 5.90
CA VAL A 19 2.85 0.97 7.25
C VAL A 19 2.69 -0.19 8.20
N LEU A 20 1.71 -1.08 7.91
CA LEU A 20 1.48 -2.23 8.76
C LEU A 20 2.69 -3.13 8.72
N LEU A 21 3.30 -3.28 7.53
CA LEU A 21 4.44 -4.15 7.40
C LEU A 21 5.58 -3.60 8.23
N GLY A 22 5.79 -2.27 8.15
CA GLY A 22 6.86 -1.64 8.90
C GLY A 22 6.61 -1.84 10.37
N SER A 23 5.34 -1.73 10.80
CA SER A 23 5.01 -1.90 12.20
C SER A 23 5.34 -3.31 12.62
N LEU A 24 5.01 -4.30 11.75
CA LEU A 24 5.29 -5.69 12.08
C LEU A 24 6.77 -5.88 12.25
N PHE A 25 7.60 -5.26 11.38
CA PHE A 25 9.03 -5.41 11.49
C PHE A 25 9.50 -4.71 12.73
N SER A 26 8.90 -3.54 13.05
CA SER A 26 9.31 -2.79 14.22
C SER A 26 9.02 -3.60 15.46
N ARG A 27 7.83 -4.26 15.51
CA ARG A 27 7.49 -5.05 16.66
C ARG A 27 8.42 -6.24 16.72
N LYS A 28 8.73 -6.83 15.55
CA LYS A 28 9.63 -7.97 15.51
C LYS A 28 8.99 -9.12 16.31
N GLY A 1 -7.78 8.66 -23.58
CA GLY A 1 -7.04 8.02 -22.46
C GLY A 1 -6.72 9.04 -21.42
N GLN A 2 -6.13 8.61 -20.29
CA GLN A 2 -5.79 9.52 -19.24
C GLN A 2 -4.53 9.02 -18.61
N GLU A 3 -3.58 9.94 -18.33
CA GLU A 3 -2.34 9.55 -17.72
C GLU A 3 -2.46 9.79 -16.25
N ARG A 4 -1.98 8.83 -15.44
CA ARG A 4 -2.06 8.96 -14.01
C ARG A 4 -0.93 8.18 -13.43
N PHE A 5 -0.47 8.56 -12.22
CA PHE A 5 0.61 7.85 -11.57
C PHE A 5 0.16 6.44 -11.28
N ASN A 6 -1.03 6.31 -10.65
CA ASN A 6 -1.54 5.01 -10.33
C ASN A 6 -2.87 5.23 -9.69
N ARG A 7 -3.56 4.12 -9.30
CA ARG A 7 -4.85 4.25 -8.68
C ARG A 7 -4.62 4.75 -7.28
N TRP A 8 -5.44 5.73 -6.84
CA TRP A 8 -5.31 6.29 -5.52
C TRP A 8 -5.58 5.20 -4.50
N PHE A 9 -6.61 4.37 -4.77
CA PHE A 9 -6.97 3.32 -3.85
C PHE A 9 -5.83 2.34 -3.73
N LEU A 10 -5.12 2.06 -4.85
CA LEU A 10 -4.03 1.11 -4.80
C LEU A 10 -2.92 1.71 -3.98
N THR A 11 -2.65 3.02 -4.19
CA THR A 11 -1.59 3.68 -3.46
C THR A 11 -1.93 3.69 -1.99
N GLY A 12 -3.20 4.00 -1.65
CA GLY A 12 -3.60 4.05 -0.25
C GLY A 12 -3.44 2.70 0.37
N MET A 13 -3.84 1.62 -0.34
CA MET A 13 -3.72 0.29 0.21
C MET A 13 -2.26 -0.04 0.36
N THR A 14 -1.43 0.37 -0.63
CA THR A 14 -0.02 0.08 -0.57
C THR A 14 0.59 0.78 0.62
N VAL A 15 0.22 2.06 0.83
CA VAL A 15 0.77 2.81 1.94
C VAL A 15 0.37 2.15 3.23
N ALA A 16 -0.93 1.76 3.36
CA ALA A 16 -1.39 1.14 4.57
C ALA A 16 -0.64 -0.15 4.79
N GLY A 17 -0.43 -0.93 3.70
CA GLY A 17 0.27 -2.19 3.80
C GLY A 17 1.68 -1.93 4.26
N VAL A 18 2.32 -0.88 3.70
CA VAL A 18 3.69 -0.58 4.06
C VAL A 18 3.76 -0.24 5.53
N VAL A 19 2.79 0.57 6.01
CA VAL A 19 2.79 0.97 7.41
C VAL A 19 2.63 -0.26 8.27
N LEU A 20 1.67 -1.14 7.91
CA LEU A 20 1.44 -2.34 8.68
C LEU A 20 2.68 -3.21 8.67
N LEU A 21 3.35 -3.34 7.51
CA LEU A 21 4.52 -4.17 7.43
C LEU A 21 5.63 -3.54 8.23
N GLY A 22 5.74 -2.21 8.17
CA GLY A 22 6.78 -1.52 8.91
C GLY A 22 6.58 -1.74 10.38
N SER A 23 5.31 -1.69 10.84
CA SER A 23 5.02 -1.90 12.24
C SER A 23 5.40 -3.30 12.61
N LEU A 24 5.03 -4.28 11.75
CA LEU A 24 5.33 -5.67 12.00
C LEU A 24 6.83 -5.86 12.09
N PHE A 25 7.59 -5.27 11.13
CA PHE A 25 9.03 -5.42 11.15
C PHE A 25 9.59 -4.74 12.37
N SER A 26 9.04 -3.57 12.74
CA SER A 26 9.52 -2.85 13.89
C SER A 26 9.28 -3.67 15.12
N ARG A 27 8.10 -4.31 15.22
CA ARG A 27 7.77 -5.12 16.37
C ARG A 27 8.74 -6.27 16.42
N LYS A 28 8.97 -6.91 15.26
CA LYS A 28 9.88 -8.04 15.19
C LYS A 28 9.34 -9.17 16.08
N GLY A 1 -12.43 3.33 -19.61
CA GLY A 1 -12.77 2.38 -18.52
C GLY A 1 -12.04 1.10 -18.72
N GLN A 2 -10.94 0.90 -17.97
CA GLN A 2 -10.16 -0.30 -18.11
C GLN A 2 -9.93 -0.84 -16.74
N GLU A 3 -9.81 -2.19 -16.62
CA GLU A 3 -9.58 -2.80 -15.33
C GLU A 3 -8.23 -2.36 -14.84
N ARG A 4 -7.23 -2.31 -15.75
CA ARG A 4 -5.91 -1.90 -15.36
C ARG A 4 -5.86 -0.41 -15.51
N PHE A 5 -5.66 0.30 -14.38
CA PHE A 5 -5.59 1.73 -14.42
C PHE A 5 -4.97 2.15 -13.12
N ASN A 6 -4.22 3.27 -13.13
CA ASN A 6 -3.59 3.73 -11.91
C ASN A 6 -4.66 4.37 -11.07
N ARG A 7 -4.76 3.92 -9.80
CA ARG A 7 -5.77 4.47 -8.92
C ARG A 7 -5.09 4.78 -7.62
N TRP A 8 -5.56 5.85 -6.93
CA TRP A 8 -4.97 6.23 -5.67
C TRP A 8 -5.37 5.23 -4.62
N PHE A 9 -6.40 4.41 -4.91
CA PHE A 9 -6.85 3.41 -3.96
C PHE A 9 -5.75 2.40 -3.78
N LEU A 10 -5.03 2.08 -4.88
CA LEU A 10 -3.97 1.11 -4.80
C LEU A 10 -2.85 1.70 -3.98
N THR A 11 -2.60 3.01 -4.15
CA THR A 11 -1.54 3.68 -3.42
C THR A 11 -1.89 3.67 -1.95
N GLY A 12 -3.16 3.96 -1.62
CA GLY A 12 -3.57 4.00 -0.23
C GLY A 12 -3.39 2.63 0.39
N MET A 13 -3.77 1.56 -0.34
CA MET A 13 -3.63 0.22 0.19
C MET A 13 -2.17 -0.09 0.36
N THR A 14 -1.34 0.35 -0.63
CA THR A 14 0.08 0.09 -0.56
C THR A 14 0.66 0.78 0.64
N VAL A 15 0.27 2.05 0.87
CA VAL A 15 0.79 2.80 1.98
C VAL A 15 0.39 2.13 3.27
N ALA A 16 -0.89 1.72 3.37
CA ALA A 16 -1.36 1.07 4.58
C ALA A 16 -0.60 -0.21 4.79
N GLY A 17 -0.36 -0.97 3.70
CA GLY A 17 0.35 -2.22 3.80
C GLY A 17 1.76 -1.95 4.26
N VAL A 18 2.39 -0.88 3.73
CA VAL A 18 3.75 -0.56 4.12
C VAL A 18 3.79 -0.22 5.57
N VAL A 19 2.81 0.60 6.05
CA VAL A 19 2.80 1.00 7.44
C VAL A 19 2.63 -0.23 8.30
N LEU A 20 1.67 -1.11 7.96
CA LEU A 20 1.44 -2.31 8.74
C LEU A 20 2.67 -3.18 8.70
N LEU A 21 3.31 -3.29 7.53
CA LEU A 21 4.49 -4.13 7.41
C LEU A 21 5.58 -3.55 8.25
N GLY A 22 5.75 -2.22 8.22
CA GLY A 22 6.79 -1.57 8.99
C GLY A 22 6.55 -1.82 10.45
N SER A 23 5.27 -1.77 10.89
CA SER A 23 4.96 -1.99 12.28
C SER A 23 5.36 -3.39 12.65
N LEU A 24 5.02 -4.38 11.79
CA LEU A 24 5.36 -5.76 12.07
C LEU A 24 6.85 -5.91 12.15
N PHE A 25 7.60 -5.23 11.25
CA PHE A 25 9.05 -5.34 11.27
C PHE A 25 9.57 -4.71 12.54
N SER A 26 8.99 -3.56 12.95
CA SER A 26 9.44 -2.89 14.14
C SER A 26 9.19 -3.78 15.35
N ARG A 27 8.00 -4.42 15.41
CA ARG A 27 7.67 -5.28 16.53
C ARG A 27 8.60 -6.46 16.54
N LYS A 28 8.92 -7.01 15.33
CA LYS A 28 9.80 -8.15 15.24
C LYS A 28 9.10 -9.36 15.90
N GLY A 1 -7.00 -11.30 -19.02
CA GLY A 1 -6.32 -10.36 -19.95
C GLY A 1 -5.49 -9.41 -19.17
N GLN A 2 -4.70 -8.56 -19.87
CA GLN A 2 -3.87 -7.60 -19.20
C GLN A 2 -4.61 -6.30 -19.17
N GLU A 3 -4.84 -5.77 -17.96
CA GLU A 3 -5.53 -4.51 -17.84
C GLU A 3 -4.76 -3.69 -16.86
N ARG A 4 -4.72 -2.36 -17.08
CA ARG A 4 -3.99 -1.49 -16.19
C ARG A 4 -4.89 -0.33 -15.87
N PHE A 5 -4.97 0.03 -14.57
CA PHE A 5 -5.80 1.13 -14.17
C PHE A 5 -5.02 1.95 -13.20
N ASN A 6 -5.21 3.28 -13.23
CA ASN A 6 -4.50 4.15 -12.32
C ASN A 6 -5.48 4.55 -11.25
N ARG A 7 -5.27 4.05 -10.03
CA ARG A 7 -6.16 4.39 -8.94
C ARG A 7 -5.32 4.76 -7.76
N TRP A 8 -5.81 5.72 -6.95
CA TRP A 8 -5.08 6.15 -5.78
C TRP A 8 -5.39 5.20 -4.66
N PHE A 9 -6.39 4.32 -4.87
CA PHE A 9 -6.77 3.37 -3.85
C PHE A 9 -5.65 2.37 -3.71
N LEU A 10 -4.94 2.09 -4.82
CA LEU A 10 -3.85 1.14 -4.77
C LEU A 10 -2.74 1.75 -3.97
N THR A 11 -2.51 3.07 -4.15
CA THR A 11 -1.46 3.75 -3.44
C THR A 11 -1.78 3.74 -1.97
N GLY A 12 -3.06 4.04 -1.62
CA GLY A 12 -3.45 4.07 -0.23
C GLY A 12 -3.29 2.69 0.36
N MET A 13 -3.67 1.65 -0.40
CA MET A 13 -3.56 0.29 0.09
C MET A 13 -2.10 -0.02 0.31
N THR A 14 -1.24 0.40 -0.65
CA THR A 14 0.17 0.13 -0.55
C THR A 14 0.73 0.83 0.65
N VAL A 15 0.34 2.11 0.87
CA VAL A 15 0.84 2.85 2.00
C VAL A 15 0.42 2.18 3.27
N ALA A 16 -0.86 1.76 3.36
CA ALA A 16 -1.35 1.11 4.56
C ALA A 16 -0.59 -0.17 4.77
N GLY A 17 -0.33 -0.92 3.68
CA GLY A 17 0.38 -2.17 3.78
C GLY A 17 1.77 -1.91 4.26
N VAL A 18 2.42 -0.84 3.75
CA VAL A 18 3.78 -0.52 4.16
C VAL A 18 3.79 -0.21 5.62
N VAL A 19 2.80 0.58 6.11
CA VAL A 19 2.74 0.94 7.50
C VAL A 19 2.59 -0.31 8.34
N LEU A 20 1.66 -1.21 7.94
CA LEU A 20 1.43 -2.42 8.69
C LEU A 20 2.67 -3.27 8.69
N LEU A 21 3.36 -3.37 7.54
CA LEU A 21 4.55 -4.19 7.46
C LEU A 21 5.63 -3.57 8.30
N GLY A 22 5.75 -2.22 8.25
CA GLY A 22 6.77 -1.53 9.02
C GLY A 22 6.53 -1.78 10.47
N SER A 23 5.25 -1.74 10.90
CA SER A 23 4.93 -1.95 12.30
C SER A 23 5.29 -3.37 12.67
N LEU A 24 4.97 -4.33 11.77
CA LEU A 24 5.26 -5.72 12.03
C LEU A 24 6.75 -5.91 12.15
N PHE A 25 7.53 -5.30 11.23
CA PHE A 25 8.98 -5.47 11.28
C PHE A 25 9.51 -4.79 12.53
N SER A 26 8.93 -3.62 12.89
CA SER A 26 9.39 -2.91 14.06
C SER A 26 9.11 -3.74 15.28
N ARG A 27 7.91 -4.38 15.33
CA ARG A 27 7.55 -5.20 16.46
C ARG A 27 8.50 -6.36 16.54
N LYS A 28 8.78 -6.99 15.37
CA LYS A 28 9.68 -8.11 15.32
C LYS A 28 9.10 -9.25 16.19
#